data_4KTK
#
_entry.id   4KTK
#
_cell.length_a   77.770
_cell.length_b   77.770
_cell.length_c   263.600
_cell.angle_alpha   90.00
_cell.angle_beta   90.00
_cell.angle_gamma   120.00
#
_symmetry.space_group_name_H-M   'P 65 2 2'
#
loop_
_entity.id
_entity.type
_entity.pdbx_description
1 polymer 'Cytochrome P450 121'
2 non-polymer 'PROTOPORPHYRIN IX CONTAINING FE'
3 non-polymer 'SULFATE ION'
4 non-polymer 4-[3-amino-4-(4-hydroxyphenyl)-1H-pyrazol-5-yl]benzene-1,3-diol
5 water water
#
_entity_poly.entity_id   1
_entity_poly.type   'polypeptide(L)'
_entity_poly.pdbx_seq_one_letter_code
;TATVLLEVPFSARGDRIPDAVAELRTREPIRKVRTITGAEAWLVSSYALCTQVLEDRRFSMKETAAAGAPRLNALTVPPE
VVNNMGNIADAGLRKAVMKAITPKAPGLEQFLRDTANSLLDNLITEGAPADLRNDFADPLATALHCKVLGIPQEDGPKLF
RSLSIAFMSSADPIPAAKINWDRDIEYMAGILENPNITTGLMGELSRLRKDPAYSHVSDELFATIGVTFFGAGVISTGSF
LTTALISLIQRPQLRNLLHEKPELIPAGVEELLRINLSFADGLPRLATADIQVGDVLVRKGELVLVLLEGANFDPEHFPN
PGSIELDRPNPTSHLAFGRGQHFCPGSALGRRHAQIGIEALLKKMPGVDLAVPIDQLVWRTRFQRRIPERLPVLW
;
_entity_poly.pdbx_strand_id   A
#
loop_
_chem_comp.id
_chem_comp.type
_chem_comp.name
_chem_comp.formula
HEM non-polymer 'PROTOPORPHYRIN IX CONTAINING FE' 'C34 H32 Fe N4 O4'
KTK non-polymer 4-[3-amino-4-(4-hydroxyphenyl)-1H-pyrazol-5-yl]benzene-1,3-diol 'C15 H13 N3 O3'
SO4 non-polymer 'SULFATE ION' 'O4 S -2'
#
# COMPACT_ATOMS: atom_id res chain seq x y z
C THR A 1 27.03 -1.02 26.64
N ALA A 2 27.99 -0.75 25.73
CA ALA A 2 27.82 -0.86 24.24
C ALA A 2 26.47 -1.44 23.76
N THR A 3 26.02 -0.94 22.61
CA THR A 3 24.81 -1.42 21.98
C THR A 3 25.04 -1.59 20.46
N VAL A 4 24.28 -2.49 19.85
CA VAL A 4 24.31 -2.71 18.41
C VAL A 4 23.73 -1.48 17.68
N LEU A 5 24.12 -1.29 16.43
CA LEU A 5 23.59 -0.28 15.53
C LEU A 5 22.02 -0.32 15.58
N LEU A 6 21.43 0.87 15.53
CA LEU A 6 19.98 1.02 15.50
C LEU A 6 19.35 0.12 14.44
N GLU A 7 18.39 -0.62 14.87
CA GLU A 7 17.71 -1.56 13.98
C GLU A 7 16.30 -1.05 13.48
N VAL A 8 15.93 -1.36 12.24
CA VAL A 8 14.62 -1.04 11.74
C VAL A 8 13.94 -2.35 11.39
N PRO A 9 12.62 -2.35 11.38
CA PRO A 9 11.74 -1.26 11.76
C PRO A 9 11.69 -1.10 13.26
N PHE A 10 11.22 0.09 13.72
CA PHE A 10 11.13 0.40 15.14
C PHE A 10 9.96 -0.28 15.79
N SER A 11 8.81 -0.32 15.13
CA SER A 11 7.56 -0.84 15.71
C SER A 11 6.57 -1.23 14.69
N ALA A 12 5.94 -2.41 14.83
CA ALA A 12 4.86 -2.86 13.96
C ALA A 12 3.53 -2.16 14.28
N ARG A 13 3.43 -1.38 15.35
CA ARG A 13 2.11 -0.70 15.67
C ARG A 13 1.77 0.32 14.66
N GLY A 14 0.57 0.31 14.08
CA GLY A 14 0.16 1.29 13.09
C GLY A 14 -0.76 2.33 13.65
N ASP A 15 -0.96 2.42 14.94
CA ASP A 15 -1.85 3.44 15.53
C ASP A 15 -1.14 4.55 16.17
N ARG A 16 0.16 4.51 16.17
CA ARG A 16 0.96 5.65 16.71
C ARG A 16 2.32 5.61 16.17
N ILE A 17 2.83 6.82 15.91
CA ILE A 17 4.21 7.02 15.48
C ILE A 17 5.17 7.02 16.66
N PRO A 18 6.27 6.24 16.63
CA PRO A 18 7.26 6.27 17.73
C PRO A 18 7.90 7.64 17.91
N ASP A 19 8.07 8.11 19.13
CA ASP A 19 8.75 9.39 19.36
C ASP A 19 10.06 9.47 18.75
N ALA A 20 10.73 8.36 18.60
CA ALA A 20 12.01 8.32 18.01
C ALA A 20 12.09 8.90 16.63
N VAL A 21 11.00 8.82 15.85
CA VAL A 21 11.06 9.33 14.49
C VAL A 21 11.37 10.87 14.49
N ALA A 22 10.67 11.62 15.33
CA ALA A 22 10.90 13.02 15.38
C ALA A 22 12.28 13.35 15.91
N GLU A 23 12.80 12.56 16.84
CA GLU A 23 14.20 12.78 17.25
C GLU A 23 15.22 12.51 16.17
N LEU A 24 15.08 11.42 15.40
CA LEU A 24 15.90 11.15 14.30
C LEU A 24 15.85 12.26 13.30
N ARG A 25 14.63 12.75 12.97
CA ARG A 25 14.49 13.71 11.93
C ARG A 25 15.23 15.03 12.32
N THR A 26 15.09 15.38 13.58
CA THR A 26 15.70 16.67 14.06
C THR A 26 17.22 16.50 14.08
N ARG A 27 17.77 15.39 14.57
CA ARG A 27 19.19 15.20 14.89
C ARG A 27 19.96 14.55 13.76
N GLU A 28 19.34 13.64 12.99
CA GLU A 28 20.08 12.90 11.99
C GLU A 28 19.16 12.44 10.95
N PRO A 29 18.69 13.30 10.09
CA PRO A 29 17.63 12.97 9.14
C PRO A 29 18.07 11.98 8.05
N ILE A 30 19.38 11.71 7.96
CA ILE A 30 19.89 10.51 7.27
C ILE A 30 20.89 9.89 8.20
N ARG A 31 20.69 8.61 8.53
CA ARG A 31 21.58 7.96 9.44
C ARG A 31 21.59 6.49 9.19
N LYS A 32 22.66 5.85 9.64
CA LYS A 32 22.83 4.41 9.38
C LYS A 32 21.99 3.58 10.35
N VAL A 33 21.43 2.51 9.78
CA VAL A 33 20.61 1.54 10.52
C VAL A 33 20.98 0.10 9.98
N ARG A 34 20.49 -0.86 10.76
CA ARG A 34 20.61 -2.23 10.31
C ARG A 34 19.23 -2.83 10.06
N THR A 35 19.11 -3.53 8.93
CA THR A 35 17.83 -4.17 8.52
C THR A 35 17.80 -5.56 9.06
N ILE A 36 16.69 -6.22 8.85
CA ILE A 36 16.43 -7.55 9.45
C ILE A 36 17.34 -8.60 8.81
N THR A 37 17.92 -8.29 7.60
CA THR A 37 18.89 -9.23 6.96
C THR A 37 20.26 -9.11 7.55
N GLY A 38 20.53 -8.12 8.39
CA GLY A 38 21.89 -7.82 8.89
C GLY A 38 22.60 -6.80 8.07
N ALA A 39 22.04 -6.40 6.91
CA ALA A 39 22.62 -5.29 6.12
C ALA A 39 22.49 -3.94 6.78
N GLU A 40 23.46 -3.09 6.44
CA GLU A 40 23.37 -1.68 6.80
C GLU A 40 22.63 -0.96 5.67
N ALA A 41 22.01 0.14 6.10
CA ALA A 41 21.22 1.02 5.17
C ALA A 41 21.26 2.43 5.77
N TRP A 42 20.95 3.37 4.83
CA TRP A 42 20.70 4.74 5.27
C TRP A 42 19.25 5.04 5.43
N LEU A 43 18.80 5.39 6.59
CA LEU A 43 17.41 5.68 6.90
C LEU A 43 17.18 7.23 6.72
N VAL A 44 16.33 7.58 5.79
CA VAL A 44 16.06 9.02 5.43
C VAL A 44 14.70 9.34 6.01
N SER A 45 14.61 10.42 6.85
CA SER A 45 13.39 10.71 7.60
C SER A 45 12.85 12.15 7.58
N SER A 46 13.44 13.02 6.79
CA SER A 46 12.86 14.40 6.61
C SER A 46 12.21 14.48 5.29
N TYR A 47 11.23 15.38 5.14
CA TYR A 47 10.55 15.55 3.87
C TYR A 47 11.52 15.95 2.74
N ALA A 48 12.42 16.88 3.06
CA ALA A 48 13.33 17.39 2.03
C ALA A 48 14.24 16.23 1.47
N LEU A 49 14.74 15.44 2.42
CA LEU A 49 15.67 14.36 1.98
C LEU A 49 15.00 13.19 1.28
N CYS A 50 13.76 12.89 1.82
CA CYS A 50 12.95 11.85 1.23
C CYS A 50 12.64 12.14 -0.24
N THR A 51 12.16 13.42 -0.44
CA THR A 51 11.82 13.84 -1.78
C THR A 51 13.09 13.84 -2.71
N GLN A 52 14.20 14.30 -2.17
CA GLN A 52 15.44 14.26 -2.93
C GLN A 52 15.75 12.83 -3.53
N VAL A 53 15.67 11.86 -2.59
CA VAL A 53 15.97 10.47 -3.00
C VAL A 53 14.97 9.94 -4.01
N LEU A 54 13.67 10.13 -3.72
CA LEU A 54 12.65 9.63 -4.60
C LEU A 54 12.58 10.23 -6.08
N GLU A 55 13.08 11.46 -6.10
CA GLU A 55 13.09 12.20 -7.41
C GLU A 55 14.39 12.03 -8.11
N ASP A 56 15.37 11.25 -7.64
CA ASP A 56 16.70 11.10 -8.28
C ASP A 56 16.78 9.68 -8.73
N ARG A 57 16.57 9.37 -9.98
CA ARG A 57 16.53 7.96 -10.43
C ARG A 57 17.85 7.22 -10.29
N ARG A 58 18.92 7.90 -9.97
CA ARG A 58 20.21 7.21 -9.71
C ARG A 58 20.06 6.45 -8.37
N PHE A 59 19.06 6.74 -7.59
CA PHE A 59 18.61 5.87 -6.44
C PHE A 59 17.61 4.91 -7.07
N SER A 60 18.01 3.69 -7.41
CA SER A 60 17.29 2.80 -8.23
C SER A 60 16.38 1.84 -7.49
N MET A 61 15.15 1.61 -7.92
CA MET A 61 14.35 0.48 -7.38
C MET A 61 14.86 -0.77 -7.98
N LYS A 62 14.98 -0.83 -9.30
CA LYS A 62 15.31 -2.10 -9.97
C LYS A 62 16.60 -2.73 -9.39
N GLU A 63 17.58 -1.91 -9.12
CA GLU A 63 18.89 -2.46 -8.71
C GLU A 63 18.87 -3.00 -7.27
N THR A 64 17.84 -2.71 -6.47
CA THR A 64 17.67 -3.37 -5.19
C THR A 64 17.70 -4.87 -5.32
N ALA A 65 17.34 -5.42 -6.45
CA ALA A 65 17.26 -6.88 -6.65
C ALA A 65 18.58 -7.51 -7.12
N ALA A 66 19.66 -6.70 -7.23
CA ALA A 66 20.95 -7.24 -7.71
C ALA A 66 21.53 -8.20 -6.70
N ALA A 67 22.09 -9.28 -7.26
CA ALA A 67 22.80 -10.26 -6.41
C ALA A 67 23.93 -9.61 -5.64
N GLY A 68 24.01 -9.87 -4.34
CA GLY A 68 25.05 -9.36 -3.54
C GLY A 68 24.82 -8.01 -2.85
N ALA A 69 23.68 -7.38 -3.26
CA ALA A 69 23.37 -6.06 -2.69
C ALA A 69 22.95 -6.16 -1.26
N PRO A 70 23.18 -5.11 -0.44
CA PRO A 70 22.58 -5.03 0.89
C PRO A 70 21.05 -4.97 0.71
N ARG A 71 20.34 -5.75 1.46
CA ARG A 71 18.90 -5.98 1.32
C ARG A 71 18.11 -5.53 2.51
N LEU A 72 16.96 -4.93 2.37
CA LEU A 72 15.99 -4.66 3.38
C LEU A 72 15.42 -5.97 3.87
N ASN A 73 15.02 -6.84 2.91
CA ASN A 73 14.36 -8.11 3.20
C ASN A 73 14.63 -9.04 2.03
N ALA A 74 14.18 -10.29 2.11
CA ALA A 74 14.27 -11.24 1.02
C ALA A 74 13.22 -11.04 -0.05
N LEU A 75 13.56 -11.26 -1.29
CA LEU A 75 12.56 -11.21 -2.33
C LEU A 75 11.51 -12.26 -2.15
N THR A 76 10.25 -11.87 -2.40
CA THR A 76 9.16 -12.81 -2.46
C THR A 76 8.65 -13.05 -3.92
N VAL A 77 9.20 -12.28 -4.86
CA VAL A 77 8.88 -12.35 -6.31
C VAL A 77 10.15 -12.65 -7.02
N PRO A 78 10.05 -13.03 -8.31
CA PRO A 78 11.27 -13.09 -9.17
C PRO A 78 11.98 -11.76 -9.31
N PRO A 79 13.33 -11.73 -9.39
CA PRO A 79 13.99 -10.42 -9.41
C PRO A 79 13.60 -9.45 -10.49
N GLU A 80 13.22 -10.02 -11.63
CA GLU A 80 12.78 -9.11 -12.71
C GLU A 80 11.50 -8.41 -12.39
N VAL A 81 10.65 -8.94 -11.53
CA VAL A 81 9.42 -8.32 -11.15
C VAL A 81 9.60 -7.08 -10.27
N VAL A 82 10.77 -6.91 -9.64
CA VAL A 82 11.03 -5.65 -8.92
C VAL A 82 11.03 -4.46 -9.94
N ASN A 83 11.31 -4.76 -11.22
CA ASN A 83 11.26 -3.75 -12.27
C ASN A 83 9.89 -3.87 -13.02
N ASN A 84 8.82 -4.22 -12.33
CA ASN A 84 7.48 -4.55 -12.96
C ASN A 84 7.02 -3.39 -13.74
N MET A 85 7.04 -2.19 -13.22
CA MET A 85 6.57 -0.98 -14.04
C MET A 85 7.45 -0.66 -15.22
N GLY A 86 8.74 -0.78 -15.10
CA GLY A 86 9.65 -0.73 -16.19
C GLY A 86 9.34 -1.71 -17.28
N ASN A 87 9.12 -2.94 -16.93
CA ASN A 87 8.79 -4.00 -17.88
C ASN A 87 7.46 -3.71 -18.59
N ILE A 88 6.46 -3.29 -17.84
CA ILE A 88 5.17 -2.83 -18.40
C ILE A 88 5.38 -1.69 -19.40
N ALA A 89 6.19 -0.71 -19.01
CA ALA A 89 6.47 0.43 -19.93
C ALA A 89 7.17 0.03 -21.20
N ASP A 90 8.17 -0.85 -21.09
CA ASP A 90 8.96 -1.32 -22.20
C ASP A 90 8.15 -2.13 -23.19
N ALA A 91 7.06 -2.78 -22.73
CA ALA A 91 6.21 -3.59 -23.51
C ALA A 91 5.07 -2.73 -24.17
N GLY A 92 5.02 -1.46 -23.85
CA GLY A 92 4.09 -0.49 -24.45
C GLY A 92 2.72 -0.60 -23.80
N LEU A 93 2.63 -1.16 -22.57
CA LEU A 93 1.40 -1.40 -21.86
C LEU A 93 1.00 -0.39 -20.82
N ARG A 94 1.77 0.66 -20.60
CA ARG A 94 1.53 1.53 -19.48
C ARG A 94 0.17 2.21 -19.62
N LYS A 95 -0.14 2.72 -20.83
CA LYS A 95 -1.44 3.45 -20.93
C LYS A 95 -2.64 2.61 -20.74
N ALA A 96 -2.57 1.41 -21.28
CA ALA A 96 -3.62 0.47 -21.10
C ALA A 96 -3.86 0.00 -19.66
N VAL A 97 -2.78 -0.25 -18.97
CA VAL A 97 -2.91 -0.57 -17.59
C VAL A 97 -3.57 0.51 -16.77
N MET A 98 -3.18 1.72 -17.06
CA MET A 98 -3.69 2.85 -16.32
C MET A 98 -5.10 3.15 -16.54
N LYS A 99 -5.55 2.97 -17.76
CA LYS A 99 -6.95 3.11 -18.09
C LYS A 99 -7.80 2.07 -17.46
N ALA A 100 -7.29 0.84 -17.34
CA ALA A 100 -8.04 -0.22 -16.65
C ALA A 100 -8.22 -0.02 -15.15
N ILE A 101 -7.36 0.72 -14.50
CA ILE A 101 -7.41 0.70 -13.03
C ILE A 101 -7.86 2.05 -12.53
N THR A 102 -8.41 2.89 -13.41
CA THR A 102 -9.07 4.14 -12.91
C THR A 102 -10.46 3.88 -12.32
N PRO A 103 -10.76 4.68 -11.25
CA PRO A 103 -12.08 4.50 -10.62
C PRO A 103 -13.23 5.01 -11.44
N LYS A 104 -12.88 5.66 -12.55
CA LYS A 104 -13.84 6.34 -13.44
C LYS A 104 -14.50 5.37 -14.41
N ALA A 105 -14.01 4.14 -14.54
CA ALA A 105 -14.72 3.15 -15.33
C ALA A 105 -16.22 3.12 -14.99
N PRO A 106 -17.07 2.92 -16.02
CA PRO A 106 -18.53 2.88 -15.84
C PRO A 106 -19.03 1.86 -14.81
N GLY A 107 -19.90 2.31 -13.91
CA GLY A 107 -20.48 1.45 -12.87
C GLY A 107 -19.51 1.02 -11.76
N LEU A 108 -18.21 1.25 -11.87
CA LEU A 108 -17.27 0.78 -10.84
C LEU A 108 -17.53 1.46 -9.47
N GLU A 109 -17.74 2.77 -9.42
CA GLU A 109 -18.03 3.41 -8.15
C GLU A 109 -19.34 2.88 -7.58
N GLN A 110 -20.32 2.59 -8.44
CA GLN A 110 -21.57 2.11 -7.91
C GLN A 110 -21.41 0.69 -7.43
N PHE A 111 -20.52 -0.05 -8.04
CA PHE A 111 -20.20 -1.38 -7.53
C PHE A 111 -19.53 -1.27 -6.15
N LEU A 112 -18.66 -0.30 -6.01
CA LEU A 112 -17.96 -0.13 -4.71
C LEU A 112 -19.00 0.20 -3.62
N ARG A 113 -19.90 1.16 -3.91
CA ARG A 113 -20.91 1.58 -2.97
C ARG A 113 -21.85 0.43 -2.52
N ASP A 114 -22.35 -0.30 -3.53
CA ASP A 114 -23.24 -1.42 -3.33
C ASP A 114 -22.54 -2.52 -2.45
N THR A 115 -21.26 -2.80 -2.77
CA THR A 115 -20.52 -3.86 -2.05
C THR A 115 -20.29 -3.37 -0.60
N ALA A 116 -19.85 -2.14 -0.45
CA ALA A 116 -19.65 -1.59 0.94
C ALA A 116 -20.95 -1.71 1.73
N ASN A 117 -22.05 -1.24 1.15
CA ASN A 117 -23.32 -1.32 1.87
C ASN A 117 -23.77 -2.71 2.19
N SER A 118 -23.61 -3.64 1.31
CA SER A 118 -23.96 -5.03 1.54
C SER A 118 -23.17 -5.66 2.72
N LEU A 119 -21.86 -5.45 2.68
CA LEU A 119 -20.92 -5.95 3.74
C LEU A 119 -21.39 -5.35 5.10
N LEU A 120 -21.71 -4.06 5.13
CA LEU A 120 -22.09 -3.45 6.39
C LEU A 120 -23.46 -3.93 6.85
N ASP A 121 -24.38 -4.16 5.88
CA ASP A 121 -25.67 -4.70 6.29
C ASP A 121 -25.54 -6.07 6.88
N ASN A 122 -24.67 -6.91 6.37
CA ASN A 122 -24.40 -8.21 6.84
C ASN A 122 -23.82 -8.20 8.26
N LEU A 123 -22.92 -7.26 8.54
CA LEU A 123 -22.45 -7.07 9.93
C LEU A 123 -23.52 -6.65 10.89
N ILE A 124 -24.35 -5.68 10.49
CA ILE A 124 -25.44 -5.20 11.30
C ILE A 124 -26.45 -6.34 11.62
N THR A 125 -26.75 -7.16 10.62
CA THR A 125 -27.58 -8.33 10.83
C THR A 125 -27.02 -9.33 11.80
N GLU A 126 -25.72 -9.54 11.78
CA GLU A 126 -25.09 -10.51 12.59
C GLU A 126 -24.96 -9.96 14.02
N GLY A 127 -24.91 -8.63 14.20
CA GLY A 127 -24.75 -8.09 15.57
C GLY A 127 -23.27 -7.88 15.96
N ALA A 128 -23.14 -6.89 16.81
CA ALA A 128 -21.79 -6.54 17.37
C ALA A 128 -21.33 -7.59 18.31
N PRO A 129 -20.02 -7.80 18.42
CA PRO A 129 -18.98 -7.05 17.70
C PRO A 129 -18.73 -7.56 16.28
N ALA A 130 -18.21 -6.69 15.43
CA ALA A 130 -17.86 -7.03 14.03
C ALA A 130 -16.35 -6.83 13.91
N ASP A 131 -15.76 -7.47 12.94
CA ASP A 131 -14.35 -7.31 12.64
C ASP A 131 -14.24 -6.47 11.35
N LEU A 132 -13.88 -5.25 11.45
CA LEU A 132 -13.85 -4.38 10.29
C LEU A 132 -12.69 -4.62 9.35
N ARG A 133 -11.68 -5.40 9.66
CA ARG A 133 -10.64 -5.74 8.76
C ARG A 133 -11.17 -6.94 7.97
N ASN A 134 -11.42 -8.06 8.60
CA ASN A 134 -11.67 -9.33 7.90
C ASN A 134 -13.04 -9.33 7.31
N ASP A 135 -13.97 -8.60 7.81
CA ASP A 135 -15.38 -8.65 7.32
C ASP A 135 -15.86 -7.38 6.66
N PHE A 136 -14.99 -6.42 6.49
CA PHE A 136 -15.29 -5.14 5.76
C PHE A 136 -14.18 -4.67 4.81
N ALA A 137 -13.08 -4.26 5.34
CA ALA A 137 -12.06 -3.65 4.53
C ALA A 137 -11.41 -4.60 3.59
N ASP A 138 -11.07 -5.76 4.00
CA ASP A 138 -10.40 -6.69 3.13
C ASP A 138 -11.34 -7.26 2.06
N PRO A 139 -12.60 -7.66 2.40
CA PRO A 139 -13.51 -8.13 1.37
C PRO A 139 -13.83 -6.98 0.43
N LEU A 140 -13.89 -5.79 0.84
CA LEU A 140 -14.20 -4.67 -0.03
C LEU A 140 -13.05 -4.44 -1.03
N ALA A 141 -11.80 -4.47 -0.54
CA ALA A 141 -10.62 -4.44 -1.39
C ALA A 141 -10.58 -5.61 -2.38
N THR A 142 -10.91 -6.81 -1.94
CA THR A 142 -10.84 -7.98 -2.80
C THR A 142 -11.89 -7.87 -3.91
N ALA A 143 -13.13 -7.54 -3.52
CA ALA A 143 -14.25 -7.40 -4.50
C ALA A 143 -13.86 -6.37 -5.48
N LEU A 144 -13.33 -5.24 -5.08
CA LEU A 144 -12.95 -4.18 -5.97
C LEU A 144 -11.94 -4.65 -6.98
N HIS A 145 -10.91 -5.38 -6.51
CA HIS A 145 -9.91 -5.82 -7.44
C HIS A 145 -10.30 -6.92 -8.39
N CYS A 146 -11.19 -7.79 -7.98
CA CYS A 146 -11.75 -8.77 -8.94
C CYS A 146 -12.51 -7.99 -10.02
N LYS A 147 -13.27 -6.97 -9.67
CA LYS A 147 -14.03 -6.16 -10.68
C LYS A 147 -13.08 -5.40 -11.57
N VAL A 148 -12.06 -4.76 -11.04
CA VAL A 148 -11.08 -4.06 -11.81
C VAL A 148 -10.35 -5.02 -12.78
N LEU A 149 -10.00 -6.18 -12.32
CA LEU A 149 -9.35 -7.13 -13.19
C LEU A 149 -10.27 -7.78 -14.23
N GLY A 150 -11.54 -7.84 -13.93
CA GLY A 150 -12.48 -8.61 -14.78
C GLY A 150 -12.58 -10.02 -14.52
N ILE A 151 -12.20 -10.50 -13.31
CA ILE A 151 -12.18 -11.86 -12.95
C ILE A 151 -13.31 -12.21 -12.01
N PRO A 152 -13.71 -13.51 -11.94
CA PRO A 152 -14.91 -13.77 -11.15
C PRO A 152 -14.73 -13.41 -9.63
N GLN A 153 -15.78 -12.86 -9.09
CA GLN A 153 -15.77 -12.48 -7.64
C GLN A 153 -15.45 -13.66 -6.80
N GLU A 154 -15.86 -14.85 -7.14
CA GLU A 154 -15.61 -16.05 -6.36
C GLU A 154 -14.18 -16.48 -6.34
N ASP A 155 -13.34 -15.96 -7.23
CA ASP A 155 -11.95 -16.28 -7.25
C ASP A 155 -11.14 -15.36 -6.25
N GLY A 156 -11.76 -14.29 -5.80
CA GLY A 156 -11.11 -13.31 -4.94
C GLY A 156 -10.54 -13.97 -3.70
N PRO A 157 -11.30 -14.74 -2.95
CA PRO A 157 -10.78 -15.27 -1.68
C PRO A 157 -9.59 -16.15 -1.84
N LYS A 158 -9.54 -16.94 -2.87
CA LYS A 158 -8.39 -17.84 -2.94
C LYS A 158 -7.10 -17.04 -3.35
N LEU A 159 -7.26 -16.06 -4.27
CA LEU A 159 -6.12 -15.15 -4.52
C LEU A 159 -5.69 -14.37 -3.30
N PHE A 160 -6.60 -13.91 -2.52
CA PHE A 160 -6.32 -13.20 -1.31
C PHE A 160 -5.53 -14.05 -0.28
N ARG A 161 -5.79 -15.32 -0.25
CA ARG A 161 -5.12 -16.14 0.80
C ARG A 161 -3.59 -16.24 0.52
N SER A 162 -3.09 -15.89 -0.64
CA SER A 162 -1.64 -15.82 -0.82
C SER A 162 -1.04 -14.59 -0.10
N LEU A 163 -1.81 -13.57 0.23
CA LEU A 163 -1.22 -12.29 0.60
C LEU A 163 -0.53 -12.17 1.96
N SER A 164 -0.93 -13.00 2.93
CA SER A 164 -0.36 -12.96 4.26
C SER A 164 1.10 -13.47 4.21
N ILE A 165 1.47 -14.15 3.13
CA ILE A 165 2.83 -14.62 2.88
C ILE A 165 3.52 -13.75 1.87
N ALA A 166 2.83 -13.38 0.75
CA ALA A 166 3.49 -12.66 -0.30
C ALA A 166 4.00 -11.36 0.10
N PHE A 167 3.34 -10.69 1.01
CA PHE A 167 3.75 -9.41 1.52
C PHE A 167 4.51 -9.43 2.81
N MET A 168 5.04 -10.59 3.17
CA MET A 168 6.01 -10.64 4.26
C MET A 168 7.26 -9.81 3.98
N SER A 169 7.85 -9.33 5.07
CA SER A 169 9.11 -8.68 5.08
C SER A 169 10.06 -9.50 5.93
N SER A 170 10.70 -10.48 5.25
CA SER A 170 11.40 -11.61 5.89
C SER A 170 12.90 -11.47 5.72
N ALA A 171 13.69 -11.97 6.65
CA ALA A 171 15.15 -11.97 6.46
C ALA A 171 15.60 -12.99 5.45
N ASP A 172 14.81 -14.04 5.27
CA ASP A 172 15.15 -15.14 4.41
C ASP A 172 14.11 -15.48 3.38
N PRO A 173 14.46 -16.13 2.33
CA PRO A 173 13.49 -16.57 1.32
C PRO A 173 12.38 -17.42 1.91
N ILE A 174 11.19 -17.34 1.36
CA ILE A 174 9.96 -17.95 1.91
C ILE A 174 9.49 -19.05 0.96
N PRO A 175 9.61 -20.36 1.36
CA PRO A 175 9.16 -21.42 0.44
C PRO A 175 7.70 -21.31 0.00
N ALA A 176 6.80 -20.97 0.91
CA ALA A 176 5.38 -20.82 0.54
C ALA A 176 5.17 -19.72 -0.51
N ALA A 177 5.95 -18.68 -0.48
CA ALA A 177 5.76 -17.54 -1.45
C ALA A 177 5.98 -18.05 -2.85
N LYS A 178 6.94 -18.94 -3.12
CA LYS A 178 7.12 -19.50 -4.43
C LYS A 178 5.94 -20.40 -4.84
N ILE A 179 5.45 -21.26 -3.94
CA ILE A 179 4.33 -22.17 -4.22
C ILE A 179 3.14 -21.34 -4.61
N ASN A 180 2.83 -20.27 -3.85
CA ASN A 180 1.65 -19.43 -4.13
C ASN A 180 1.89 -18.60 -5.37
N TRP A 181 3.06 -18.10 -5.59
CA TRP A 181 3.34 -17.32 -6.84
C TRP A 181 3.07 -18.16 -8.06
N ASP A 182 3.63 -19.36 -8.09
CA ASP A 182 3.52 -20.21 -9.27
C ASP A 182 2.09 -20.56 -9.51
N ARG A 183 1.33 -20.86 -8.48
CA ARG A 183 -0.07 -21.16 -8.58
C ARG A 183 -0.89 -19.95 -9.09
N ASP A 184 -0.62 -18.78 -8.59
CA ASP A 184 -1.33 -17.56 -8.98
C ASP A 184 -1.02 -17.16 -10.43
N ILE A 185 0.23 -17.35 -10.82
CA ILE A 185 0.60 -17.10 -12.23
C ILE A 185 -0.10 -18.10 -13.07
N GLU A 186 -0.21 -19.33 -12.71
CA GLU A 186 -0.94 -20.30 -13.56
C GLU A 186 -2.41 -19.90 -13.68
N TYR A 187 -3.02 -19.43 -12.64
CA TYR A 187 -4.41 -18.93 -12.65
C TYR A 187 -4.52 -17.78 -13.57
N MET A 188 -3.66 -16.80 -13.55
CA MET A 188 -3.78 -15.64 -14.45
C MET A 188 -3.50 -16.05 -15.88
N ALA A 189 -2.58 -16.99 -16.11
CA ALA A 189 -2.35 -17.50 -17.49
C ALA A 189 -3.61 -18.18 -17.97
N GLY A 190 -4.35 -18.88 -17.17
CA GLY A 190 -5.62 -19.51 -17.59
C GLY A 190 -6.59 -18.38 -17.90
N ILE A 191 -6.66 -17.27 -17.18
CA ILE A 191 -7.61 -16.23 -17.40
C ILE A 191 -7.32 -15.61 -18.71
N LEU A 192 -6.07 -15.52 -19.12
CA LEU A 192 -5.81 -14.92 -20.42
C LEU A 192 -6.28 -15.77 -21.57
N GLU A 193 -6.50 -17.04 -21.33
CA GLU A 193 -6.98 -18.00 -22.39
C GLU A 193 -8.47 -18.25 -22.23
N ASN A 194 -9.15 -17.63 -21.28
CA ASN A 194 -10.55 -17.88 -20.93
C ASN A 194 -11.42 -16.87 -21.72
N PRO A 195 -12.24 -17.37 -22.67
CA PRO A 195 -12.99 -16.46 -23.53
C PRO A 195 -14.06 -15.73 -22.80
N ASN A 196 -14.47 -16.11 -21.58
CA ASN A 196 -15.46 -15.37 -20.79
C ASN A 196 -14.90 -14.08 -20.19
N ILE A 197 -13.57 -13.93 -20.24
CA ILE A 197 -12.96 -12.79 -19.58
C ILE A 197 -12.68 -11.66 -20.53
N THR A 198 -13.62 -10.73 -20.60
CA THR A 198 -13.59 -9.69 -21.59
C THR A 198 -13.66 -8.28 -21.11
N THR A 199 -13.70 -8.09 -19.80
CA THR A 199 -13.76 -6.80 -19.16
C THR A 199 -12.56 -6.62 -18.22
N GLY A 200 -12.39 -5.38 -17.79
CA GLY A 200 -11.33 -5.05 -16.83
C GLY A 200 -9.95 -5.22 -17.38
N LEU A 201 -8.97 -5.16 -16.49
CA LEU A 201 -7.54 -5.21 -16.86
C LEU A 201 -7.25 -6.52 -17.58
N MET A 202 -7.70 -7.66 -17.11
CA MET A 202 -7.44 -8.98 -17.73
C MET A 202 -8.16 -9.04 -19.10
N GLY A 203 -9.36 -8.53 -19.22
CA GLY A 203 -9.99 -8.58 -20.58
C GLY A 203 -9.19 -7.73 -21.53
N GLU A 204 -8.66 -6.61 -21.14
CA GLU A 204 -7.89 -5.76 -22.02
C GLU A 204 -6.53 -6.36 -22.32
N LEU A 205 -5.86 -6.95 -21.33
CA LEU A 205 -4.59 -7.63 -21.63
C LEU A 205 -4.82 -8.82 -22.55
N SER A 206 -5.91 -9.55 -22.41
CA SER A 206 -6.19 -10.71 -23.22
C SER A 206 -6.37 -10.28 -24.68
N ARG A 207 -6.93 -9.14 -24.89
CA ARG A 207 -7.07 -8.62 -26.27
C ARG A 207 -5.77 -8.17 -26.77
N LEU A 208 -4.99 -7.43 -26.00
CA LEU A 208 -3.70 -6.93 -26.47
C LEU A 208 -2.77 -8.08 -26.76
N ARG A 209 -2.87 -9.16 -26.05
CA ARG A 209 -2.04 -10.33 -26.31
C ARG A 209 -2.19 -10.87 -27.69
N LYS A 210 -3.38 -10.70 -28.26
CA LYS A 210 -3.67 -11.26 -29.59
C LYS A 210 -3.54 -10.18 -30.65
N ASP A 211 -3.13 -8.98 -30.34
CA ASP A 211 -3.00 -7.88 -31.25
C ASP A 211 -1.59 -7.94 -31.80
N PRO A 212 -1.36 -7.85 -33.12
CA PRO A 212 0.01 -7.90 -33.68
C PRO A 212 0.97 -6.93 -33.16
N ALA A 213 0.59 -5.76 -32.68
CA ALA A 213 1.51 -4.77 -32.12
C ALA A 213 2.16 -5.27 -30.80
N TYR A 214 1.61 -6.30 -30.18
CA TYR A 214 2.12 -6.86 -28.85
C TYR A 214 2.50 -8.30 -28.96
N SER A 215 2.70 -8.84 -30.18
CA SER A 215 3.00 -10.22 -30.38
C SER A 215 4.29 -10.78 -29.76
N HIS A 216 5.20 -9.86 -29.49
CA HIS A 216 6.47 -10.24 -28.87
C HIS A 216 6.50 -10.00 -27.37
N VAL A 217 5.43 -9.49 -26.78
CA VAL A 217 5.30 -9.42 -25.31
C VAL A 217 5.12 -10.83 -24.77
N SER A 218 5.82 -11.16 -23.70
CA SER A 218 5.76 -12.46 -23.18
C SER A 218 4.50 -12.78 -22.42
N ASP A 219 4.04 -13.99 -22.55
CA ASP A 219 2.91 -14.46 -21.77
C ASP A 219 3.18 -14.36 -20.20
N GLU A 220 4.45 -14.52 -19.86
CA GLU A 220 4.89 -14.35 -18.43
C GLU A 220 4.55 -12.92 -18.00
N LEU A 221 4.85 -11.90 -18.81
CA LEU A 221 4.56 -10.53 -18.40
C LEU A 221 3.08 -10.32 -18.22
N PHE A 222 2.24 -10.80 -19.15
CA PHE A 222 0.83 -10.53 -19.02
C PHE A 222 0.23 -11.15 -17.70
N ALA A 223 0.61 -12.38 -17.42
CA ALA A 223 0.17 -13.05 -16.20
C ALA A 223 0.71 -12.33 -14.94
N THR A 224 1.94 -11.87 -15.02
CA THR A 224 2.55 -11.22 -13.89
C THR A 224 1.84 -9.94 -13.62
N ILE A 225 1.40 -9.16 -14.63
CA ILE A 225 0.67 -7.92 -14.38
C ILE A 225 -0.60 -8.23 -13.57
N GLY A 226 -1.34 -9.22 -13.92
CA GLY A 226 -2.51 -9.61 -13.19
C GLY A 226 -2.24 -9.95 -11.72
N VAL A 227 -1.26 -10.79 -11.50
CA VAL A 227 -0.91 -11.21 -10.11
C VAL A 227 -0.48 -9.99 -9.32
N THR A 228 0.45 -9.22 -9.84
CA THR A 228 1.02 -8.08 -9.09
C THR A 228 0.01 -7.04 -8.81
N PHE A 229 -0.81 -6.64 -9.79
CA PHE A 229 -1.77 -5.54 -9.56
C PHE A 229 -2.88 -6.02 -8.62
N PHE A 230 -3.35 -7.25 -8.66
CA PHE A 230 -4.24 -7.76 -7.65
C PHE A 230 -3.60 -7.68 -6.29
N GLY A 231 -2.37 -8.20 -6.16
CA GLY A 231 -1.84 -8.32 -4.78
C GLY A 231 -1.48 -6.94 -4.24
N ALA A 232 -0.78 -6.12 -5.01
CA ALA A 232 -0.46 -4.79 -4.53
C ALA A 232 -1.64 -3.90 -4.19
N GLY A 233 -2.62 -3.94 -5.09
CA GLY A 233 -3.84 -3.22 -4.83
C GLY A 233 -4.60 -3.68 -3.62
N VAL A 234 -4.84 -4.96 -3.52
CA VAL A 234 -5.65 -5.50 -2.41
C VAL A 234 -4.91 -5.24 -1.07
N ILE A 235 -3.62 -5.56 -1.01
CA ILE A 235 -2.92 -5.35 0.28
C ILE A 235 -2.94 -3.87 0.65
N SER A 236 -2.68 -3.01 -0.35
CA SER A 236 -2.52 -1.61 -0.05
C SER A 236 -3.80 -0.88 0.34
N THR A 237 -4.86 -1.19 -0.41
CA THR A 237 -6.18 -0.62 -0.12
C THR A 237 -6.77 -1.20 1.13
N GLY A 238 -6.69 -2.50 1.31
CA GLY A 238 -7.21 -3.18 2.52
C GLY A 238 -6.48 -2.64 3.76
N SER A 239 -5.16 -2.55 3.70
CA SER A 239 -4.43 -2.14 4.89
C SER A 239 -4.65 -0.69 5.14
N PHE A 240 -4.63 0.18 4.11
CA PHE A 240 -4.86 1.60 4.32
C PHE A 240 -6.26 1.88 4.87
N LEU A 241 -7.29 1.30 4.31
CA LEU A 241 -8.61 1.50 4.87
C LEU A 241 -8.71 1.06 6.31
N THR A 242 -8.11 -0.10 6.63
CA THR A 242 -8.26 -0.60 7.98
C THR A 242 -7.62 0.39 8.96
N THR A 243 -6.41 0.86 8.68
CA THR A 243 -5.72 1.71 9.62
C THR A 243 -6.33 3.10 9.59
N ALA A 244 -6.89 3.62 8.49
CA ALA A 244 -7.64 4.84 8.48
C ALA A 244 -8.92 4.78 9.34
N LEU A 245 -9.60 3.67 9.32
CA LEU A 245 -10.77 3.43 10.14
C LEU A 245 -10.36 3.54 11.61
N ILE A 246 -9.21 2.99 12.05
CA ILE A 246 -8.76 3.18 13.45
C ILE A 246 -8.55 4.67 13.71
N SER A 247 -7.88 5.36 12.80
CA SER A 247 -7.62 6.82 12.97
C SER A 247 -8.92 7.60 13.10
N LEU A 248 -9.96 7.25 12.38
CA LEU A 248 -11.23 7.90 12.48
C LEU A 248 -11.93 7.53 13.75
N ILE A 249 -12.04 6.23 14.09
CA ILE A 249 -12.65 5.81 15.35
C ILE A 249 -12.02 6.54 16.53
N GLN A 250 -10.72 6.78 16.53
CA GLN A 250 -10.16 7.45 17.67
CA GLN A 250 -9.76 7.45 17.52
C GLN A 250 -10.20 8.97 17.60
N ARG A 251 -10.97 9.49 16.61
CA ARG A 251 -11.23 10.99 16.47
C ARG A 251 -12.70 11.18 16.29
N PRO A 252 -13.54 11.00 17.34
CA PRO A 252 -14.94 11.13 17.21
C PRO A 252 -15.41 12.50 16.71
N GLN A 253 -14.70 13.54 17.06
CA GLN A 253 -15.03 14.91 16.58
C GLN A 253 -14.91 14.98 15.03
N LEU A 254 -13.87 14.33 14.51
CA LEU A 254 -13.79 14.20 13.01
C LEU A 254 -14.81 13.32 12.41
N ARG A 255 -14.99 12.14 13.00
CA ARG A 255 -15.97 11.15 12.57
C ARG A 255 -17.29 11.86 12.50
N ASN A 256 -17.62 12.67 13.52
CA ASN A 256 -18.96 13.31 13.56
C ASN A 256 -19.09 14.41 12.50
N LEU A 257 -18.03 15.23 12.27
CA LEU A 257 -17.99 16.26 11.20
C LEU A 257 -18.13 15.64 9.78
N LEU A 258 -17.46 14.51 9.54
CA LEU A 258 -17.60 13.80 8.22
C LEU A 258 -18.92 13.11 8.06
N HIS A 259 -19.50 12.59 9.14
CA HIS A 259 -20.88 12.08 9.10
C HIS A 259 -21.88 13.20 8.65
N GLU A 260 -21.73 14.34 9.30
CA GLU A 260 -22.56 15.53 9.10
C GLU A 260 -22.33 16.26 7.80
N LYS A 261 -21.09 16.34 7.29
CA LYS A 261 -20.79 16.96 6.01
C LYS A 261 -19.92 16.00 5.21
N PRO A 262 -20.55 15.01 4.54
CA PRO A 262 -19.75 14.02 3.82
C PRO A 262 -19.01 14.60 2.66
N GLU A 263 -19.35 15.79 2.21
CA GLU A 263 -18.55 16.43 1.17
C GLU A 263 -17.07 16.69 1.55
N LEU A 264 -16.80 16.69 2.88
CA LEU A 264 -15.45 16.82 3.42
C LEU A 264 -14.76 15.44 3.45
N ILE A 265 -15.38 14.36 3.08
CA ILE A 265 -14.70 13.04 3.06
C ILE A 265 -13.46 13.01 2.20
N PRO A 266 -13.47 13.57 1.01
CA PRO A 266 -12.16 13.56 0.25
C PRO A 266 -11.09 14.29 0.94
N ALA A 267 -11.28 15.42 1.54
CA ALA A 267 -10.23 16.12 2.27
C ALA A 267 -9.82 15.31 3.53
N GLY A 268 -10.80 14.64 4.13
CA GLY A 268 -10.45 13.84 5.30
C GLY A 268 -9.60 12.64 4.86
N VAL A 269 -9.96 11.98 3.78
CA VAL A 269 -9.13 10.84 3.28
C VAL A 269 -7.78 11.30 2.92
N GLU A 270 -7.58 12.48 2.37
CA GLU A 270 -6.27 12.89 2.05
C GLU A 270 -5.38 13.09 3.35
N GLU A 271 -5.94 13.64 4.39
CA GLU A 271 -5.29 13.72 5.64
C GLU A 271 -5.07 12.34 6.26
N LEU A 272 -6.01 11.46 6.15
CA LEU A 272 -5.79 10.08 6.63
C LEU A 272 -4.66 9.40 5.89
N LEU A 273 -4.56 9.66 4.59
CA LEU A 273 -3.39 9.21 3.82
C LEU A 273 -2.14 9.80 4.34
N ARG A 274 -2.09 11.09 4.61
CA ARG A 274 -0.89 11.71 5.07
C ARG A 274 -0.43 11.10 6.39
N ILE A 275 -1.31 10.82 7.34
CA ILE A 275 -0.88 10.31 8.70
C ILE A 275 -0.76 8.81 8.67
N ASN A 276 -0.92 8.12 7.58
CA ASN A 276 -1.10 6.66 7.61
C ASN A 276 0.30 6.07 7.81
N LEU A 277 0.24 5.02 8.67
CA LEU A 277 1.44 4.20 9.04
C LEU A 277 1.35 2.85 8.41
N SER A 278 0.64 2.64 7.33
CA SER A 278 0.47 1.31 6.70
C SER A 278 1.76 0.77 6.22
N PHE A 279 2.70 1.51 5.59
CA PHE A 279 3.99 0.96 5.13
C PHE A 279 4.88 0.74 6.30
N ALA A 280 5.21 -0.55 6.50
CA ALA A 280 6.02 -0.98 7.62
C ALA A 280 7.47 -0.69 7.51
N ASP A 281 7.99 -0.51 6.35
CA ASP A 281 9.38 -0.26 6.11
C ASP A 281 9.55 0.98 5.24
N GLY A 282 10.69 1.59 5.34
CA GLY A 282 11.07 2.54 4.31
C GLY A 282 11.01 1.97 2.96
N LEU A 283 10.85 2.84 1.94
CA LEU A 283 10.91 2.43 0.55
C LEU A 283 12.37 2.24 0.15
N PRO A 284 12.77 1.05 -0.32
CA PRO A 284 14.20 0.80 -0.63
C PRO A 284 14.60 1.33 -2.01
N ARG A 285 15.83 1.80 -2.03
CA ARG A 285 16.50 2.21 -3.28
C ARG A 285 17.99 1.89 -3.19
N LEU A 286 18.62 1.56 -4.27
CA LEU A 286 20.08 1.29 -4.28
C LEU A 286 20.78 2.48 -4.96
N ALA A 287 21.74 3.06 -4.33
CA ALA A 287 22.55 4.14 -4.92
C ALA A 287 23.29 3.51 -6.08
N THR A 288 23.25 4.15 -7.29
CA THR A 288 23.99 3.70 -8.46
C THR A 288 25.19 4.66 -8.76
N ALA A 289 25.45 5.57 -7.85
CA ALA A 289 26.54 6.59 -7.90
C ALA A 289 26.79 7.08 -6.58
N ASP A 290 27.82 7.86 -6.35
CA ASP A 290 28.08 8.44 -5.10
C ASP A 290 27.29 9.78 -5.06
N ILE A 291 26.41 9.97 -4.11
CA ILE A 291 25.43 11.09 -4.11
C ILE A 291 25.34 11.65 -2.79
N GLN A 292 25.50 12.97 -2.62
CA GLN A 292 25.39 13.64 -1.40
C GLN A 292 23.92 13.85 -1.00
N VAL A 293 23.56 13.37 0.19
CA VAL A 293 22.24 13.47 0.77
C VAL A 293 22.36 14.04 2.14
N GLY A 294 21.96 15.33 2.32
CA GLY A 294 22.25 15.94 3.58
C GLY A 294 23.76 15.96 3.92
N ASP A 295 24.02 15.58 5.15
CA ASP A 295 25.41 15.54 5.65
C ASP A 295 26.14 14.23 5.30
N VAL A 296 25.56 13.34 4.47
CA VAL A 296 26.16 12.02 4.17
C VAL A 296 26.38 11.89 2.70
N LEU A 297 27.59 11.41 2.35
CA LEU A 297 27.86 11.04 0.99
C LEU A 297 27.48 9.55 0.88
N VAL A 298 26.37 9.28 0.24
CA VAL A 298 25.94 7.88 0.02
C VAL A 298 26.81 7.33 -1.10
N ARG A 299 27.37 6.14 -0.88
CA ARG A 299 28.20 5.52 -1.84
C ARG A 299 27.55 4.64 -2.80
N LYS A 300 28.02 4.52 -4.03
CA LYS A 300 27.50 3.56 -4.96
C LYS A 300 27.41 2.13 -4.35
N GLY A 301 26.25 1.51 -4.56
CA GLY A 301 25.96 0.18 -4.04
C GLY A 301 25.35 0.16 -2.63
N GLU A 302 25.16 1.28 -1.98
CA GLU A 302 24.55 1.33 -0.68
C GLU A 302 23.03 1.40 -0.76
N LEU A 303 22.36 0.86 0.24
CA LEU A 303 20.93 0.81 0.37
C LEU A 303 20.48 1.99 1.13
N VAL A 304 19.43 2.63 0.59
CA VAL A 304 18.75 3.78 1.19
C VAL A 304 17.26 3.40 1.41
N LEU A 305 16.77 3.79 2.58
CA LEU A 305 15.41 3.55 2.98
C LEU A 305 14.66 4.88 3.20
N VAL A 306 13.61 5.14 2.41
CA VAL A 306 12.87 6.39 2.46
C VAL A 306 11.68 6.20 3.39
N LEU A 307 11.73 6.85 4.54
CA LEU A 307 10.71 6.58 5.56
C LEU A 307 9.52 7.52 5.28
N LEU A 308 8.43 6.99 4.79
CA LEU A 308 7.26 7.81 4.36
C LEU A 308 6.80 8.58 5.55
N GLU A 309 6.61 8.02 6.74
CA GLU A 309 6.11 8.75 7.86
C GLU A 309 7.09 9.80 8.35
N GLY A 310 8.38 9.63 8.13
CA GLY A 310 9.31 10.66 8.38
C GLY A 310 8.97 11.92 7.57
N ALA A 311 8.79 11.77 6.29
CA ALA A 311 8.34 12.88 5.44
C ALA A 311 7.01 13.41 5.89
N ASN A 312 6.05 12.55 6.11
CA ASN A 312 4.62 12.94 6.22
C ASN A 312 4.29 13.55 7.61
N PHE A 313 5.15 13.37 8.61
CA PHE A 313 5.07 13.99 9.89
C PHE A 313 6.08 15.06 10.10
N ASP A 314 6.76 15.54 9.04
CA ASP A 314 7.79 16.53 9.18
C ASP A 314 7.07 17.88 9.48
N PRO A 315 7.33 18.46 10.63
CA PRO A 315 6.63 19.77 10.93
C PRO A 315 7.13 20.90 10.05
N GLU A 316 8.26 20.81 9.44
CA GLU A 316 8.72 21.84 8.48
C GLU A 316 7.86 21.88 7.28
N HIS A 317 7.23 20.82 6.87
CA HIS A 317 6.40 20.76 5.73
C HIS A 317 4.92 20.73 6.07
N PHE A 318 4.52 20.06 7.16
CA PHE A 318 3.17 19.91 7.61
C PHE A 318 3.06 20.37 9.08
N PRO A 319 2.85 21.65 9.36
CA PRO A 319 2.83 22.13 10.71
C PRO A 319 1.69 21.40 11.53
N ASN A 320 1.95 21.20 12.81
CA ASN A 320 1.15 20.33 13.68
C ASN A 320 0.80 19.03 12.98
N PRO A 321 1.92 18.29 12.71
CA PRO A 321 1.82 17.12 11.84
C PRO A 321 0.93 16.01 12.31
N GLY A 322 0.75 15.86 13.62
CA GLY A 322 -0.09 14.78 14.09
C GLY A 322 -1.55 15.03 14.07
N SER A 323 -1.91 16.31 13.75
CA SER A 323 -3.34 16.73 13.69
C SER A 323 -3.89 16.55 12.29
N ILE A 324 -5.08 16.06 12.16
CA ILE A 324 -5.82 16.00 10.96
C ILE A 324 -6.49 17.39 10.78
N GLU A 325 -6.05 18.13 9.76
CA GLU A 325 -6.46 19.52 9.48
CA GLU A 325 -6.55 19.46 9.51
C GLU A 325 -6.96 19.48 8.07
N LEU A 326 -8.24 19.73 7.83
CA LEU A 326 -8.86 19.58 6.54
C LEU A 326 -8.64 20.81 5.59
N ASP A 327 -7.99 21.83 6.06
CA ASP A 327 -7.76 23.07 5.32
C ASP A 327 -6.32 23.39 5.07
N ARG A 328 -5.46 22.33 4.99
CA ARG A 328 -4.04 22.63 4.75
C ARG A 328 -3.87 23.20 3.27
N PRO A 329 -2.83 23.99 3.10
CA PRO A 329 -2.59 24.65 1.78
C PRO A 329 -1.91 23.68 0.82
N ASN A 330 -1.35 22.55 1.37
CA ASN A 330 -0.53 21.58 0.62
C ASN A 330 -1.06 20.17 0.84
N PRO A 331 -2.37 19.95 0.67
CA PRO A 331 -2.95 18.69 1.18
C PRO A 331 -2.49 17.41 0.48
N THR A 332 -2.21 17.46 -0.80
CA THR A 332 -1.82 16.25 -1.55
C THR A 332 -0.31 16.12 -1.69
N SER A 333 0.47 16.96 -1.08
CA SER A 333 1.92 16.97 -1.19
C SER A 333 2.58 15.93 -0.26
N HIS A 334 1.77 15.10 0.39
CA HIS A 334 2.34 13.96 1.22
C HIS A 334 2.89 12.94 0.27
N LEU A 335 3.63 12.03 0.87
CA LEU A 335 4.32 10.91 0.13
C LEU A 335 3.63 9.60 0.35
N ALA A 336 2.37 9.54 0.70
CA ALA A 336 1.70 8.24 0.90
C ALA A 336 1.70 7.40 -0.32
N PHE A 337 1.70 7.91 -1.54
CA PHE A 337 1.74 7.15 -2.77
C PHE A 337 3.14 7.20 -3.41
N GLY A 338 4.12 7.61 -2.65
CA GLY A 338 5.50 7.79 -3.15
C GLY A 338 5.62 9.12 -3.93
N ARG A 339 6.61 9.16 -4.81
CA ARG A 339 6.98 10.40 -5.50
C ARG A 339 7.90 9.98 -6.59
N GLY A 340 7.82 10.65 -7.77
CA GLY A 340 8.88 10.38 -8.81
C GLY A 340 8.51 9.31 -9.77
N GLN A 341 9.53 8.65 -10.29
CA GLN A 341 9.30 7.63 -11.34
C GLN A 341 8.32 6.50 -10.91
N HIS A 342 8.38 6.12 -9.63
CA HIS A 342 7.62 5.04 -9.15
C HIS A 342 6.40 5.38 -8.36
N PHE A 343 5.88 6.60 -8.56
CA PHE A 343 4.62 7.03 -7.94
C PHE A 343 3.53 6.01 -8.19
N CYS A 344 2.73 5.71 -7.18
CA CYS A 344 1.72 4.66 -7.25
C CYS A 344 0.82 4.83 -8.51
N PRO A 345 0.72 3.75 -9.32
CA PRO A 345 -0.14 3.83 -10.52
C PRO A 345 -1.63 3.68 -10.12
N GLY A 346 -1.91 3.20 -8.95
CA GLY A 346 -3.31 2.96 -8.41
C GLY A 346 -3.83 4.03 -7.42
N SER A 347 -3.23 5.20 -7.43
CA SER A 347 -3.48 6.22 -6.47
C SER A 347 -4.98 6.62 -6.50
N ALA A 348 -5.52 6.85 -7.69
CA ALA A 348 -6.89 7.30 -7.73
C ALA A 348 -7.83 6.23 -7.28
N LEU A 349 -7.59 4.97 -7.63
CA LEU A 349 -8.37 3.86 -7.16
C LEU A 349 -8.33 3.74 -5.66
N GLY A 350 -7.13 3.90 -5.11
CA GLY A 350 -6.97 3.76 -3.68
C GLY A 350 -7.74 4.85 -2.92
N ARG A 351 -7.68 6.09 -3.36
CA ARG A 351 -8.42 7.13 -2.78
C ARG A 351 -9.94 6.87 -2.86
N ARG A 352 -10.43 6.48 -4.03
CA ARG A 352 -11.85 6.19 -4.13
C ARG A 352 -12.38 5.03 -3.25
N HIS A 353 -11.60 3.95 -3.16
CA HIS A 353 -11.93 2.83 -2.30
C HIS A 353 -12.08 3.35 -0.84
N ALA A 354 -11.15 4.19 -0.36
CA ALA A 354 -11.25 4.69 0.98
C ALA A 354 -12.42 5.62 1.19
N GLN A 355 -12.59 6.47 0.19
CA GLN A 355 -13.67 7.47 0.31
C GLN A 355 -15.01 6.80 0.40
N ILE A 356 -15.28 5.84 -0.48
CA ILE A 356 -16.54 5.14 -0.52
C ILE A 356 -16.70 4.26 0.70
N GLY A 357 -15.64 3.53 1.11
CA GLY A 357 -15.74 2.73 2.32
C GLY A 357 -16.10 3.53 3.58
N ILE A 358 -15.49 4.66 3.73
CA ILE A 358 -15.68 5.52 4.86
C ILE A 358 -17.10 6.15 4.80
N GLU A 359 -17.50 6.62 3.62
CA GLU A 359 -18.85 7.21 3.44
C GLU A 359 -19.86 6.18 3.87
N ALA A 360 -19.79 4.95 3.40
CA ALA A 360 -20.69 3.88 3.66
C ALA A 360 -20.73 3.56 5.16
N LEU A 361 -19.57 3.45 5.78
CA LEU A 361 -19.52 3.15 7.17
C LEU A 361 -20.11 4.20 8.07
N LEU A 362 -19.87 5.46 7.77
CA LEU A 362 -20.37 6.53 8.58
C LEU A 362 -21.91 6.63 8.42
N LYS A 363 -22.43 6.36 7.23
CA LYS A 363 -23.90 6.36 7.07
C LYS A 363 -24.55 5.18 7.81
N LYS A 364 -23.96 4.00 7.76
CA LYS A 364 -24.58 2.76 8.25
C LYS A 364 -24.28 2.62 9.81
N MET A 365 -23.15 3.09 10.29
CA MET A 365 -22.68 2.88 11.67
C MET A 365 -22.12 4.16 12.26
N PRO A 366 -22.94 5.25 12.32
CA PRO A 366 -22.49 6.50 12.82
C PRO A 366 -21.95 6.42 14.27
N GLY A 367 -22.39 5.44 15.03
CA GLY A 367 -21.88 5.24 16.39
C GLY A 367 -20.68 4.25 16.51
N VAL A 368 -20.09 3.95 15.37
CA VAL A 368 -18.92 3.00 15.38
C VAL A 368 -17.91 3.42 16.49
N ASP A 369 -17.38 2.40 17.20
CA ASP A 369 -16.34 2.60 18.16
C ASP A 369 -15.60 1.24 18.29
N LEU A 370 -14.40 1.29 18.78
CA LEU A 370 -13.68 0.07 19.10
C LEU A 370 -14.43 -0.69 20.22
N ALA A 371 -14.46 -2.00 20.09
CA ALA A 371 -15.09 -2.90 21.06
C ALA A 371 -14.08 -3.49 22.02
N VAL A 372 -12.80 -3.17 21.87
CA VAL A 372 -11.69 -3.58 22.79
C VAL A 372 -10.85 -2.34 23.04
N PRO A 373 -10.13 -2.31 24.13
CA PRO A 373 -9.18 -1.21 24.30
C PRO A 373 -8.15 -1.23 23.20
N ILE A 374 -7.69 -0.09 22.73
CA ILE A 374 -6.83 -0.02 21.57
C ILE A 374 -5.53 -0.84 21.67
N ASP A 375 -5.00 -0.96 22.91
CA ASP A 375 -3.80 -1.71 23.13
C ASP A 375 -4.01 -3.21 22.89
N GLN A 376 -5.22 -3.69 22.83
CA GLN A 376 -5.54 -5.08 22.54
C GLN A 376 -5.54 -5.49 21.09
N LEU A 377 -5.31 -4.53 20.19
CA LEU A 377 -5.19 -4.86 18.81
C LEU A 377 -3.80 -5.56 18.62
N VAL A 378 -3.78 -6.58 17.80
CA VAL A 378 -2.62 -7.42 17.57
C VAL A 378 -1.97 -7.01 16.26
N TRP A 379 -0.81 -6.46 16.25
CA TRP A 379 -0.14 -5.94 15.07
C TRP A 379 0.66 -6.94 14.34
N ARG A 380 0.44 -7.19 13.07
CA ARG A 380 1.16 -8.14 12.30
C ARG A 380 2.64 -7.74 12.23
N THR A 381 3.52 -8.68 12.48
CA THR A 381 4.98 -8.45 12.46
C THR A 381 5.63 -8.99 11.20
N ARG A 382 6.81 -8.47 10.92
CA ARG A 382 7.62 -8.91 9.83
CA ARG A 382 7.63 -8.91 9.81
C ARG A 382 6.85 -8.98 8.50
N PHE A 383 6.11 -7.88 8.25
CA PHE A 383 5.22 -7.71 7.10
C PHE A 383 5.51 -6.38 6.47
N GLN A 384 5.17 -6.26 5.18
CA GLN A 384 5.42 -5.05 4.44
C GLN A 384 4.38 -3.96 4.77
N ARG A 385 3.32 -4.29 5.45
CA ARG A 385 2.35 -3.38 5.96
C ARG A 385 2.15 -3.52 7.42
N ARG A 386 1.66 -2.47 8.05
CA ARG A 386 1.24 -2.51 9.45
C ARG A 386 -0.26 -2.69 9.46
N ILE A 387 -0.75 -3.72 10.10
CA ILE A 387 -2.15 -4.04 10.12
C ILE A 387 -2.53 -4.82 11.37
N PRO A 388 -3.68 -4.54 11.93
CA PRO A 388 -4.15 -5.34 13.09
C PRO A 388 -4.74 -6.62 12.57
N GLU A 389 -4.53 -7.69 13.29
CA GLU A 389 -5.04 -8.96 12.76
C GLU A 389 -6.56 -9.03 12.77
N ARG A 390 -7.18 -8.40 13.72
CA ARG A 390 -8.65 -8.20 13.82
C ARG A 390 -8.89 -6.77 14.16
N LEU A 391 -10.02 -6.21 13.79
CA LEU A 391 -10.43 -4.83 14.17
C LEU A 391 -11.82 -4.90 14.77
N PRO A 392 -11.92 -5.25 16.06
CA PRO A 392 -13.29 -5.48 16.62
C PRO A 392 -13.99 -4.17 16.96
N VAL A 393 -15.21 -3.94 16.50
CA VAL A 393 -15.96 -2.71 16.70
C VAL A 393 -17.39 -3.02 17.15
N LEU A 394 -17.98 -1.99 17.73
CA LEU A 394 -19.41 -2.01 18.04
C LEU A 394 -19.94 -0.69 17.51
N TRP A 395 -21.28 -0.49 17.62
CA TRP A 395 -21.92 0.69 17.00
C TRP A 395 -23.26 0.91 17.63
CHA HEM B . 3.64 1.65 -5.81
CHB HEM B . 1.18 3.21 -1.96
CHC HEM B . -2.90 1.38 -3.95
CHD HEM B . -0.27 -0.75 -7.36
C1A HEM B . 3.33 2.36 -4.66
C2A HEM B . 4.20 3.12 -3.82
C3A HEM B . 3.58 3.52 -2.72
C4A HEM B . 2.20 2.98 -2.83
CMA HEM B . 4.00 4.29 -1.57
CAA HEM B . 5.63 3.48 -4.23
CBA HEM B . 6.66 2.46 -3.90
CGA HEM B . 8.03 2.85 -4.21
O1A HEM B . 8.31 3.93 -4.80
O2A HEM B . 9.00 2.10 -3.85
C1B HEM B . -0.18 2.82 -2.11
C2B HEM B . -1.23 3.12 -1.23
C3B HEM B . -2.42 2.61 -1.76
C4B HEM B . -2.06 1.98 -3.04
CMB HEM B . -1.12 3.84 0.04
CAB HEM B . -3.81 2.71 -1.30
CBB HEM B . -4.22 3.57 -0.46
C1C HEM B . -2.60 0.71 -5.13
C2C HEM B . -3.53 0.07 -6.01
C3C HEM B . -2.74 -0.54 -6.90
C4C HEM B . -1.35 -0.32 -6.63
CMC HEM B . -5.02 0.23 -5.87
CAC HEM B . -3.21 -1.33 -8.05
CBC HEM B . -4.46 -1.79 -8.33
C1D HEM B . 1.04 -0.38 -7.18
C2D HEM B . 2.19 -0.80 -7.99
C3D HEM B . 3.28 -0.06 -7.58
C4D HEM B . 2.84 0.76 -6.49
CMD HEM B . 2.08 -1.78 -9.12
CAD HEM B . 4.69 -0.16 -8.12
CBD HEM B . 5.02 0.97 -9.04
CGD HEM B . 6.48 1.04 -9.59
O1D HEM B . 6.72 1.99 -10.35
O2D HEM B . 7.21 0.12 -9.37
NA HEM B . 2.11 2.28 -4.05
NB HEM B . -0.70 2.18 -3.19
NC HEM B . -1.30 0.57 -5.52
ND HEM B . 1.46 0.67 -6.32
FE HEM B . 0.38 1.49 -4.83
S SO4 C . 4.05 -2.03 -3.51
O1 SO4 C . 5.03 -0.90 -3.48
O2 SO4 C . 4.32 -2.85 -4.73
O3 SO4 C . 4.15 -2.88 -2.28
O4 SO4 C . 2.68 -1.47 -3.56
S SO4 D . 14.78 2.36 -11.76
O1 SO4 D . 16.28 2.14 -11.80
O2 SO4 D . 14.30 2.28 -13.19
O3 SO4 D . 14.09 1.42 -10.98
O4 SO4 D . 14.76 3.86 -11.44
CAO KTK E . 3.95 -6.05 -5.98
CAP KTK E . 3.90 -5.22 -7.08
CAQ KTK E . 4.96 -5.06 -7.88
OAT KTK E . 4.94 -4.19 -8.93
CAR KTK E . 6.18 -5.62 -7.54
CAS KTK E . 6.21 -6.39 -6.35
CAN KTK E . 5.08 -6.65 -5.58
CAJ KTK E . 5.20 -7.36 -4.39
CAK KTK E . 6.04 -6.96 -3.31
NAM KTK E . 6.71 -5.77 -3.11
NAL KTK E . 6.11 -7.88 -2.32
NAA KTK E . 5.28 -8.86 -2.76
CAB KTK E . 4.74 -8.56 -4.00
CAC KTK E . 3.85 -9.51 -4.55
CAH KTK E . 2.63 -9.13 -5.25
CAG KTK E . 1.70 -10.09 -5.62
CAF KTK E . 1.89 -11.43 -5.27
OAI KTK E . 0.97 -12.38 -5.56
CAE KTK E . 3.07 -11.81 -4.71
CAD KTK E . 3.92 -10.88 -4.22
OAU KTK E . 5.06 -11.44 -3.57
CAO KTK F . 26.13 -2.58 -8.54
CAP KTK F . 26.13 -1.18 -8.64
CAQ KTK F . 25.15 -0.62 -9.47
OAT KTK F . 25.10 0.74 -9.77
CAR KTK F . 24.23 -1.47 -10.12
CAS KTK F . 24.17 -2.87 -9.94
CAN KTK F . 25.16 -3.47 -9.09
CAJ KTK F . 25.21 -4.85 -8.86
CAK KTK F . 25.07 -5.86 -9.84
NAM KTK F . 24.81 -5.82 -11.16
NAL KTK F . 25.21 -7.09 -9.30
NAA KTK F . 25.40 -6.84 -7.94
CAB KTK F . 25.42 -5.54 -7.65
CAC KTK F . 25.65 -5.01 -6.37
CAH KTK F . 24.80 -4.03 -5.85
CAG KTK F . 25.08 -3.37 -4.63
CAF KTK F . 26.20 -3.67 -3.88
OAI KTK F . 26.45 -3.01 -2.76
CAE KTK F . 27.06 -4.69 -4.41
CAD KTK F . 26.80 -5.35 -5.56
OAU KTK F . 27.72 -6.28 -6.00
#